data_5UNG
#
_entry.id   5UNG
#
_cell.length_a   70.260
_cell.length_b   78.790
_cell.length_c   93.410
_cell.angle_alpha   90.00
_cell.angle_beta   90.00
_cell.angle_gamma   90.00
#
_symmetry.space_group_name_H-M   'P 21 2 21'
#
loop_
_entity.id
_entity.type
_entity.pdbx_description
1 polymer 'Chimera protein of Type-2 angiotensin II receptor and Soluble cytochrome b562'
2 non-polymer "N-benzyl-N-(2-ethyl-4-oxo-3-{[2'-(2H-tetrazol-5-yl)[1,1'-biphenyl]-4-yl]methyl}-3,4-dihydroquinazolin-6-yl)thiophene-2-carboxamide"
3 non-polymer '(2R)-2,3-dihydroxypropyl (9Z)-octadec-9-enoate'
4 non-polymer 'OLEIC ACID'
5 water water
#
_entity_poly.entity_id   1
_entity_poly.type   'polypeptide(L)'
_entity_poly.pdbx_seq_one_letter_code
;ADLEDNWETLNDNLKVIEKADNAAQVKDALTKMRAAALDAQKATPPKLEDKSPDSPEMKDFRHGFDILVGQIDDALKLAN
EGKVKEAQAAAEQLKTTRNAYIQKYLGSGSCSQKPSDKHLDAIPILYYIIFVIGFLVNIVVVTLFCCQKGPKKVSSIYIF
NLAVADLLLLATLPLWATYYSYRYDWLFGPVMCKVFGSFLTLNMFASIFFITCMSVDRYQSVIYPFLSQRRNPWQASYIV
PLVWCMACLSSLPTFYFRDVRTIEYLGVNACIMAFPPEKYAQWSAGIALMKNILGFIIPLIFIATCYFGIRKHLLKTNSY
GKNRITRDQVLKMAAAVVLAFIICWLPFHVLTFLDALAWMGVINSCEVIAVIDLALPFAILLGFTNSCVNPFLYCFVGNR
FQQKLRSVFRV
;
_entity_poly.pdbx_strand_id   B
#
loop_
_chem_comp.id
_chem_comp.type
_chem_comp.name
_chem_comp.formula
8ES non-polymer N-benzyl-N-(2-ethyl-4-oxo-3-{[2'-(2H-tetrazol-5-yl)[1,1'-biphenyl]-4-yl]methyl}-3,4-dihydroquinazolin-6-yl)thiophene-2-carboxamide 'C36 H29 N7 O2 S'
OLA non-polymer 'OLEIC ACID' 'C18 H34 O2'
OLC non-polymer '(2R)-2,3-dihydroxypropyl (9Z)-octadec-9-enoate' 'C21 H40 O4'
#
# COMPACT_ATOMS: atom_id res chain seq x y z
N ALA A 1 32.02 -0.04 14.90
CA ALA A 1 31.53 0.29 16.25
C ALA A 1 30.02 0.52 16.28
N ASP A 2 29.49 1.30 15.31
CA ASP A 2 28.07 1.62 15.20
C ASP A 2 27.27 0.46 14.60
N LEU A 3 25.98 0.32 15.02
CA LEU A 3 25.05 -0.73 14.57
C LEU A 3 24.78 -0.66 13.06
N GLU A 4 24.69 0.58 12.50
CA GLU A 4 24.47 0.80 11.07
C GLU A 4 25.73 0.39 10.28
N ASP A 5 26.92 0.71 10.83
CA ASP A 5 28.23 0.40 10.24
C ASP A 5 28.50 -1.11 10.28
N ASN A 6 28.06 -1.79 11.37
CA ASN A 6 28.23 -3.23 11.57
C ASN A 6 27.37 -4.04 10.58
N TRP A 7 26.11 -3.61 10.34
CA TRP A 7 25.22 -4.29 9.40
C TRP A 7 25.59 -4.00 7.95
N GLU A 8 26.32 -2.88 7.70
CA GLU A 8 26.83 -2.51 6.39
C GLU A 8 27.98 -3.46 6.06
N THR A 9 28.82 -3.78 7.07
CA THR A 9 29.95 -4.72 6.97
C THR A 9 29.43 -6.14 6.71
N LEU A 10 28.35 -6.55 7.41
CA LEU A 10 27.73 -7.87 7.27
C LEU A 10 27.14 -8.10 5.88
N ASN A 11 26.47 -7.08 5.32
CA ASN A 11 25.84 -7.14 4.00
C ASN A 11 26.87 -7.10 2.87
N ASP A 12 27.89 -6.22 2.97
CA ASP A 12 28.95 -6.08 1.97
C ASP A 12 29.80 -7.35 1.85
N ASN A 13 30.10 -8.01 2.98
CA ASN A 13 30.89 -9.24 3.01
C ASN A 13 30.10 -10.49 2.56
N LEU A 14 28.75 -10.44 2.60
CA LEU A 14 27.90 -11.54 2.12
C LEU A 14 28.00 -11.65 0.60
N LYS A 15 28.11 -10.50 -0.10
CA LYS A 15 28.27 -10.40 -1.55
C LYS A 15 29.67 -10.86 -1.98
N VAL A 16 30.67 -10.69 -1.08
CA VAL A 16 32.07 -11.09 -1.29
C VAL A 16 32.18 -12.63 -1.37
N ILE A 17 31.48 -13.36 -0.48
CA ILE A 17 31.45 -14.84 -0.43
C ILE A 17 30.87 -15.41 -1.74
N GLU A 18 29.84 -14.74 -2.29
CA GLU A 18 29.19 -15.12 -3.56
C GLU A 18 30.14 -14.96 -4.75
N LYS A 19 31.00 -13.93 -4.71
CA LYS A 19 31.97 -13.60 -5.76
C LYS A 19 33.36 -14.24 -5.54
N ALA A 20 33.57 -14.88 -4.37
CA ALA A 20 34.83 -15.52 -3.97
C ALA A 20 35.20 -16.70 -4.86
N ASP A 21 36.51 -16.84 -5.16
CA ASP A 21 37.09 -17.90 -5.98
C ASP A 21 37.65 -19.05 -5.13
N ASN A 22 38.49 -18.71 -4.13
CA ASN A 22 39.15 -19.68 -3.25
C ASN A 22 38.72 -19.56 -1.77
N ALA A 23 39.27 -20.45 -0.92
CA ALA A 23 39.00 -20.53 0.52
C ALA A 23 39.47 -19.29 1.29
N ALA A 24 40.59 -18.67 0.86
CA ALA A 24 41.18 -17.48 1.48
C ALA A 24 40.25 -16.27 1.43
N GLN A 25 39.50 -16.12 0.31
CA GLN A 25 38.54 -15.03 0.12
C GLN A 25 37.28 -15.24 0.95
N VAL A 26 36.89 -16.51 1.18
CA VAL A 26 35.72 -16.89 1.99
C VAL A 26 36.03 -16.66 3.47
N LYS A 27 37.20 -17.18 3.93
CA LYS A 27 37.71 -17.07 5.31
C LYS A 27 37.83 -15.60 5.76
N ASP A 28 38.32 -14.72 4.86
CA ASP A 28 38.48 -13.29 5.13
C ASP A 28 37.14 -12.59 5.34
N ALA A 29 36.15 -12.88 4.48
CA ALA A 29 34.81 -12.29 4.55
C ALA A 29 34.01 -12.76 5.76
N LEU A 30 34.20 -14.03 6.19
CA LEU A 30 33.51 -14.60 7.36
C LEU A 30 34.08 -14.05 8.68
N THR A 31 35.41 -13.84 8.75
CA THR A 31 36.11 -13.29 9.92
C THR A 31 35.66 -11.84 10.16
N LYS A 32 35.50 -11.06 9.08
CA LYS A 32 35.02 -9.67 9.10
C LYS A 32 33.57 -9.63 9.60
N MET A 33 32.75 -10.62 9.18
CA MET A 33 31.35 -10.77 9.57
C MET A 33 31.23 -11.19 11.03
N ARG A 34 32.13 -12.09 11.49
CA ARG A 34 32.20 -12.62 12.85
C ARG A 34 32.50 -11.50 13.85
N ALA A 35 33.43 -10.58 13.50
CA ALA A 35 33.83 -9.44 14.31
C ALA A 35 32.72 -8.39 14.40
N ALA A 36 32.02 -8.15 13.27
CA ALA A 36 30.91 -7.19 13.15
C ALA A 36 29.67 -7.66 13.92
N ALA A 37 29.39 -8.98 13.89
CA ALA A 37 28.25 -9.61 14.57
C ALA A 37 28.37 -9.52 16.08
N LEU A 38 29.58 -9.74 16.63
CA LEU A 38 29.85 -9.66 18.06
C LEU A 38 29.90 -8.21 18.55
N ASP A 39 30.21 -7.27 17.63
CA ASP A 39 30.26 -5.83 17.90
C ASP A 39 28.85 -5.25 17.94
N ALA A 40 27.96 -5.73 17.04
CA ALA A 40 26.55 -5.32 16.95
C ALA A 40 25.73 -5.89 18.10
N GLN A 41 26.13 -7.07 18.62
CA GLN A 41 25.53 -7.78 19.76
C GLN A 41 25.63 -6.94 21.05
N LYS A 42 26.74 -6.18 21.19
CA LYS A 42 27.01 -5.30 22.33
C LYS A 42 26.17 -4.01 22.26
N ALA A 43 25.90 -3.52 21.03
CA ALA A 43 25.13 -2.30 20.79
C ALA A 43 23.62 -2.47 21.06
N THR A 44 22.92 -1.34 21.29
CA THR A 44 21.47 -1.29 21.54
C THR A 44 20.75 -0.72 20.31
N PRO A 45 19.73 -1.43 19.76
CA PRO A 45 19.04 -0.92 18.55
C PRO A 45 18.19 0.33 18.80
N PRO A 46 17.84 1.13 17.75
CA PRO A 46 16.99 2.33 17.98
C PRO A 46 15.64 1.98 18.61
N LYS A 47 15.04 0.85 18.16
CA LYS A 47 13.79 0.31 18.69
C LYS A 47 14.12 -0.32 20.06
N LEU A 48 13.16 -0.33 21.00
CA LEU A 48 13.29 -0.83 22.39
C LEU A 48 14.58 -0.27 23.08
N GLU A 49 14.85 1.04 22.86
CA GLU A 49 15.99 1.79 23.39
C GLU A 49 15.87 1.97 24.91
N ASP A 50 14.69 2.42 25.39
CA ASP A 50 14.43 2.63 26.81
C ASP A 50 13.95 1.31 27.44
N LYS A 51 14.86 0.31 27.46
CA LYS A 51 14.61 -1.03 27.99
C LYS A 51 15.90 -1.58 28.60
N SER A 52 15.78 -2.21 29.79
CA SER A 52 16.90 -2.80 30.54
C SER A 52 17.53 -4.01 29.80
N PRO A 53 18.84 -4.33 30.00
CA PRO A 53 19.42 -5.50 29.31
C PRO A 53 18.87 -6.85 29.78
N ASP A 54 18.23 -6.89 30.97
CA ASP A 54 17.64 -8.11 31.56
C ASP A 54 16.30 -8.49 30.91
N SER A 55 15.70 -7.56 30.13
CA SER A 55 14.42 -7.72 29.44
C SER A 55 14.45 -8.88 28.42
N PRO A 56 13.35 -9.67 28.27
CA PRO A 56 13.36 -10.79 27.32
C PRO A 56 13.60 -10.42 25.86
N GLU A 57 13.14 -9.23 25.42
CA GLU A 57 13.33 -8.74 24.05
C GLU A 57 14.79 -8.37 23.77
N MET A 58 15.50 -7.85 24.80
CA MET A 58 16.93 -7.51 24.71
C MET A 58 17.79 -8.77 24.69
N LYS A 59 17.35 -9.82 25.41
CA LYS A 59 17.99 -11.13 25.47
C LYS A 59 17.87 -11.84 24.13
N ASP A 60 16.73 -11.63 23.44
CA ASP A 60 16.42 -12.18 22.12
C ASP A 60 17.26 -11.52 21.03
N PHE A 61 17.61 -10.22 21.21
CA PHE A 61 18.45 -9.45 20.29
C PHE A 61 19.87 -10.00 20.30
N ARG A 62 20.42 -10.29 21.50
CA ARG A 62 21.76 -10.86 21.67
C ARG A 62 21.80 -12.32 21.19
N HIS A 63 20.69 -13.06 21.38
CA HIS A 63 20.57 -14.45 20.93
C HIS A 63 20.52 -14.56 19.40
N GLY A 64 19.98 -13.53 18.75
CA GLY A 64 19.90 -13.42 17.30
C GLY A 64 21.27 -13.44 16.65
N PHE A 65 22.23 -12.75 17.29
CA PHE A 65 23.62 -12.70 16.83
C PHE A 65 24.38 -13.97 17.20
N ASP A 66 23.93 -14.70 18.27
CA ASP A 66 24.53 -15.97 18.69
C ASP A 66 24.29 -17.07 17.65
N ILE A 67 23.14 -17.00 16.95
CA ILE A 67 22.76 -17.92 15.86
C ILE A 67 23.65 -17.59 14.65
N LEU A 68 23.82 -16.28 14.36
CA LEU A 68 24.62 -15.74 13.27
C LEU A 68 26.11 -16.12 13.39
N VAL A 69 26.72 -15.95 14.60
CA VAL A 69 28.12 -16.31 14.88
C VAL A 69 28.31 -17.82 14.75
N GLY A 70 27.33 -18.58 15.24
CA GLY A 70 27.30 -20.04 15.15
C GLY A 70 27.25 -20.53 13.71
N GLN A 71 26.48 -19.82 12.85
CA GLN A 71 26.35 -20.11 11.42
C GLN A 71 27.64 -19.73 10.67
N ILE A 72 28.30 -18.62 11.06
CA ILE A 72 29.56 -18.13 10.49
C ILE A 72 30.67 -19.17 10.74
N ASP A 73 30.74 -19.69 11.99
CA ASP A 73 31.70 -20.70 12.44
C ASP A 73 31.57 -22.02 11.67
N ASP A 74 30.32 -22.43 11.34
CA ASP A 74 30.04 -23.66 10.58
C ASP A 74 30.60 -23.54 9.16
N ALA A 75 30.43 -22.36 8.52
CA ALA A 75 30.93 -22.07 7.17
C ALA A 75 32.45 -21.89 7.18
N LEU A 76 33.00 -21.28 8.28
CA LEU A 76 34.43 -21.05 8.47
C LEU A 76 35.21 -22.35 8.57
N LYS A 77 34.60 -23.40 9.17
CA LYS A 77 35.21 -24.72 9.32
C LYS A 77 35.34 -25.41 7.95
N LEU A 78 34.33 -25.26 7.07
CA LEU A 78 34.32 -25.80 5.71
C LEU A 78 35.38 -25.05 4.87
N ALA A 79 35.51 -23.73 5.10
CA ALA A 79 36.48 -22.85 4.45
C ALA A 79 37.91 -23.21 4.87
N ASN A 80 38.11 -23.56 6.17
CA ASN A 80 39.41 -23.95 6.72
C ASN A 80 39.82 -25.34 6.25
N GLU A 81 38.84 -26.20 5.93
CA GLU A 81 39.07 -27.57 5.43
C GLU A 81 39.40 -27.63 3.93
N GLY A 82 39.22 -26.51 3.24
CA GLY A 82 39.50 -26.39 1.81
C GLY A 82 38.26 -26.37 0.93
N LYS A 83 37.10 -26.74 1.51
CA LYS A 83 35.80 -26.79 0.81
C LYS A 83 35.30 -25.36 0.53
N VAL A 84 35.54 -24.87 -0.70
CA VAL A 84 35.16 -23.52 -1.13
C VAL A 84 33.66 -23.44 -1.43
N LYS A 85 33.17 -24.27 -2.37
CA LYS A 85 31.77 -24.32 -2.80
C LYS A 85 30.79 -24.73 -1.70
N GLU A 86 31.25 -25.55 -0.74
CA GLU A 86 30.45 -26.02 0.40
C GLU A 86 30.25 -24.89 1.42
N ALA A 87 31.29 -24.06 1.63
CA ALA A 87 31.27 -22.91 2.55
C ALA A 87 30.40 -21.78 2.00
N GLN A 88 30.41 -21.59 0.66
CA GLN A 88 29.61 -20.58 -0.04
C GLN A 88 28.12 -20.95 0.00
N ALA A 89 27.81 -22.27 -0.10
CA ALA A 89 26.46 -22.81 -0.03
C ALA A 89 25.91 -22.71 1.39
N ALA A 90 26.78 -22.90 2.41
CA ALA A 90 26.45 -22.80 3.83
C ALA A 90 26.19 -21.33 4.21
N ALA A 91 26.85 -20.40 3.50
CA ALA A 91 26.73 -18.95 3.69
C ALA A 91 25.37 -18.40 3.23
N GLU A 92 24.60 -19.19 2.46
CA GLU A 92 23.27 -18.82 1.98
C GLU A 92 22.24 -18.82 3.13
N GLN A 93 22.53 -19.59 4.21
CA GLN A 93 21.69 -19.67 5.40
C GLN A 93 21.80 -18.38 6.25
N LEU A 94 22.92 -17.63 6.09
CA LEU A 94 23.18 -16.37 6.78
C LEU A 94 22.20 -15.29 6.31
N LYS A 95 21.74 -15.39 5.05
CA LYS A 95 20.77 -14.48 4.44
C LYS A 95 19.41 -14.57 5.14
N THR A 96 19.05 -15.78 5.63
CA THR A 96 17.80 -16.07 6.35
C THR A 96 17.81 -15.36 7.72
N THR A 97 18.98 -15.39 8.42
CA THR A 97 19.20 -14.73 9.71
C THR A 97 19.21 -13.21 9.52
N ARG A 98 19.75 -12.74 8.37
CA ARG A 98 19.81 -11.33 7.98
C ARG A 98 18.39 -10.82 7.71
N ASN A 99 17.54 -11.63 7.03
CA ASN A 99 16.15 -11.30 6.72
C ASN A 99 15.27 -11.34 7.97
N ALA A 100 15.68 -12.12 9.00
CA ALA A 100 14.96 -12.21 10.27
C ALA A 100 15.15 -10.92 11.09
N TYR A 101 16.33 -10.28 10.98
CA TYR A 101 16.67 -9.03 11.67
C TYR A 101 15.90 -7.83 11.10
N ILE A 102 15.79 -7.72 9.76
CA ILE A 102 15.09 -6.61 9.09
C ILE A 102 13.58 -6.64 9.38
N GLN A 103 13.02 -7.85 9.58
CA GLN A 103 11.61 -8.10 9.86
C GLN A 103 11.26 -7.86 11.33
N LYS A 104 12.21 -8.11 12.24
CA LYS A 104 12.01 -7.97 13.69
C LYS A 104 12.45 -6.66 14.30
N TYR A 105 13.74 -6.28 14.11
CA TYR A 105 14.32 -5.10 14.74
C TYR A 105 14.28 -3.83 13.87
N LEU A 106 14.30 -3.97 12.53
CA LEU A 106 14.16 -2.84 11.62
C LEU A 106 12.68 -2.61 11.30
N GLY A 107 11.91 -3.70 11.34
CA GLY A 107 10.47 -3.71 11.11
C GLY A 107 9.65 -3.69 12.39
N SER A 108 8.41 -4.20 12.31
CA SER A 108 7.46 -4.23 13.42
C SER A 108 7.37 -5.56 14.19
N GLY A 109 8.23 -6.52 13.83
CA GLY A 109 8.27 -7.87 14.41
C GLY A 109 8.40 -7.94 15.92
N SER A 110 9.42 -7.26 16.48
CA SER A 110 9.70 -7.25 17.92
C SER A 110 8.68 -6.44 18.74
N CYS A 111 8.09 -5.39 18.15
CA CYS A 111 7.11 -4.53 18.82
C CYS A 111 5.74 -5.17 18.93
N SER A 112 5.09 -5.43 17.79
CA SER A 112 3.75 -6.01 17.70
C SER A 112 3.68 -7.40 18.31
N GLN A 113 2.60 -7.67 19.07
CA GLN A 113 2.37 -8.95 19.73
C GLN A 113 2.00 -10.02 18.69
N LYS A 114 2.92 -10.97 18.47
CA LYS A 114 2.82 -12.07 17.51
C LYS A 114 1.64 -13.03 17.76
N PRO A 115 1.32 -13.49 19.01
CA PRO A 115 0.18 -14.43 19.18
C PRO A 115 -1.17 -13.87 18.71
N SER A 116 -1.80 -14.58 17.77
CA SER A 116 -3.08 -14.21 17.18
C SER A 116 -4.20 -15.14 17.65
N ASP A 117 -5.24 -14.57 18.29
CA ASP A 117 -6.40 -15.31 18.78
C ASP A 117 -7.46 -15.37 17.67
N LYS A 118 -7.17 -16.17 16.62
CA LYS A 118 -8.04 -16.33 15.46
C LYS A 118 -9.14 -17.35 15.68
N HIS A 119 -10.37 -16.84 15.91
CA HIS A 119 -11.59 -17.61 16.11
C HIS A 119 -12.72 -16.79 15.49
N LEU A 120 -12.81 -16.82 14.14
CA LEU A 120 -13.74 -16.06 13.31
C LEU A 120 -13.61 -14.56 13.63
N ASP A 121 -12.36 -14.04 13.49
CA ASP A 121 -11.95 -12.66 13.75
C ASP A 121 -12.78 -11.63 12.98
N ALA A 122 -12.88 -10.40 13.53
CA ALA A 122 -13.64 -9.29 12.95
C ALA A 122 -13.17 -8.89 11.54
N ILE A 123 -11.86 -8.98 11.25
CA ILE A 123 -11.28 -8.62 9.95
C ILE A 123 -11.85 -9.52 8.80
N PRO A 124 -11.71 -10.88 8.76
CA PRO A 124 -12.30 -11.64 7.65
C PRO A 124 -13.82 -11.49 7.51
N ILE A 125 -14.54 -11.30 8.64
CA ILE A 125 -16.01 -11.12 8.65
C ILE A 125 -16.38 -9.77 7.97
N LEU A 126 -15.74 -8.67 8.39
CA LEU A 126 -15.95 -7.33 7.86
C LEU A 126 -15.49 -7.18 6.40
N TYR A 127 -14.48 -7.97 5.99
CA TYR A 127 -13.94 -7.99 4.63
C TYR A 127 -14.95 -8.62 3.66
N TYR A 128 -15.65 -9.69 4.09
CA TYR A 128 -16.67 -10.37 3.29
C TYR A 128 -17.98 -9.57 3.23
N ILE A 129 -18.28 -8.75 4.27
CA ILE A 129 -19.48 -7.90 4.35
C ILE A 129 -19.34 -6.77 3.29
N ILE A 130 -18.18 -6.10 3.27
CA ILE A 130 -17.86 -5.02 2.33
C ILE A 130 -17.76 -5.56 0.88
N PHE A 131 -17.29 -6.82 0.71
CA PHE A 131 -17.16 -7.50 -0.59
C PHE A 131 -18.49 -7.66 -1.32
N VAL A 132 -19.45 -8.39 -0.72
CA VAL A 132 -20.75 -8.69 -1.32
C VAL A 132 -21.61 -7.40 -1.50
N ILE A 133 -21.53 -6.42 -0.57
CA ILE A 133 -22.25 -5.15 -0.66
C ILE A 133 -21.72 -4.34 -1.86
N GLY A 134 -20.39 -4.20 -1.92
CA GLY A 134 -19.69 -3.48 -2.98
C GLY A 134 -19.80 -4.13 -4.35
N PHE A 135 -19.73 -5.47 -4.40
CA PHE A 135 -19.84 -6.24 -5.65
C PHE A 135 -21.24 -6.10 -6.25
N LEU A 136 -22.29 -6.18 -5.41
CA LEU A 136 -23.69 -6.05 -5.82
C LEU A 136 -24.05 -4.67 -6.35
N VAL A 137 -23.58 -3.58 -5.69
CA VAL A 137 -23.87 -2.20 -6.10
C VAL A 137 -23.11 -1.82 -7.39
N ASN A 138 -21.88 -2.35 -7.58
CA ASN A 138 -21.08 -2.08 -8.78
C ASN A 138 -21.50 -2.91 -9.99
N ILE A 139 -22.11 -4.11 -9.75
CA ILE A 139 -22.62 -4.99 -10.81
C ILE A 139 -23.81 -4.29 -11.50
N VAL A 140 -24.67 -3.60 -10.71
CA VAL A 140 -25.84 -2.84 -11.14
C VAL A 140 -25.42 -1.76 -12.15
N VAL A 141 -24.39 -0.95 -11.80
CA VAL A 141 -23.85 0.14 -12.62
C VAL A 141 -23.27 -0.40 -13.94
N VAL A 142 -22.51 -1.52 -13.88
CA VAL A 142 -21.91 -2.17 -15.05
C VAL A 142 -22.99 -2.75 -15.99
N THR A 143 -23.98 -3.48 -15.43
CA THR A 143 -25.09 -4.07 -16.18
C THR A 143 -26.05 -3.01 -16.75
N LEU A 144 -26.14 -1.83 -16.09
CA LEU A 144 -26.98 -0.71 -16.54
C LEU A 144 -26.40 -0.06 -17.79
N PHE A 145 -25.06 0.12 -17.83
CA PHE A 145 -24.36 0.71 -18.98
C PHE A 145 -24.37 -0.23 -20.19
N CYS A 146 -24.41 -1.54 -19.96
CA CYS A 146 -24.39 -2.57 -21.00
C CYS A 146 -25.72 -2.72 -21.74
N CYS A 147 -26.85 -2.94 -21.03
CA CYS A 147 -28.16 -3.17 -21.65
C CYS A 147 -29.33 -2.43 -20.98
N GLN A 148 -29.12 -1.17 -20.53
CA GLN A 148 -30.16 -0.35 -19.89
C GLN A 148 -29.96 1.17 -20.04
N LYS A 149 -28.78 1.61 -20.53
CA LYS A 149 -28.44 3.02 -20.70
C LYS A 149 -27.82 3.33 -22.07
N GLY A 150 -26.66 2.73 -22.35
CA GLY A 150 -25.94 2.92 -23.61
C GLY A 150 -24.57 3.58 -23.48
N PRO A 151 -23.84 3.77 -24.61
CA PRO A 151 -22.49 4.38 -24.52
C PRO A 151 -22.44 5.90 -24.74
N LYS A 152 -23.59 6.58 -24.62
CA LYS A 152 -23.71 8.04 -24.82
C LYS A 152 -23.22 8.82 -23.58
N LYS A 153 -22.99 10.15 -23.74
CA LYS A 153 -22.54 11.13 -22.72
C LYS A 153 -21.08 10.97 -22.27
N VAL A 154 -20.41 12.11 -22.04
CA VAL A 154 -18.99 12.23 -21.63
C VAL A 154 -18.78 11.65 -20.22
N SER A 155 -19.52 12.19 -19.23
CA SER A 155 -19.46 11.79 -17.82
C SER A 155 -19.79 10.31 -17.60
N SER A 156 -20.77 9.77 -18.36
CA SER A 156 -21.24 8.39 -18.29
C SER A 156 -20.15 7.35 -18.57
N ILE A 157 -19.17 7.68 -19.44
CA ILE A 157 -18.03 6.82 -19.79
C ILE A 157 -17.14 6.61 -18.54
N TYR A 158 -16.93 7.70 -17.77
CA TYR A 158 -16.14 7.67 -16.54
C TYR A 158 -16.85 6.90 -15.43
N ILE A 159 -18.22 6.97 -15.38
CA ILE A 159 -19.06 6.26 -14.41
C ILE A 159 -18.85 4.75 -14.54
N PHE A 160 -18.92 4.23 -15.79
CA PHE A 160 -18.73 2.81 -16.12
C PHE A 160 -17.30 2.36 -15.82
N ASN A 161 -16.29 3.16 -16.21
CA ASN A 161 -14.88 2.89 -15.99
C ASN A 161 -14.52 2.84 -14.50
N LEU A 162 -15.12 3.75 -13.70
CA LEU A 162 -14.94 3.78 -12.24
C LEU A 162 -15.58 2.53 -11.62
N ALA A 163 -16.78 2.14 -12.12
CA ALA A 163 -17.52 0.96 -11.67
C ALA A 163 -16.77 -0.34 -11.96
N VAL A 164 -16.07 -0.43 -13.11
CA VAL A 164 -15.27 -1.59 -13.50
C VAL A 164 -14.00 -1.66 -12.61
N ALA A 165 -13.33 -0.51 -12.42
CA ALA A 165 -12.14 -0.38 -11.55
C ALA A 165 -12.47 -0.72 -10.09
N ASP A 166 -13.66 -0.32 -9.62
CA ASP A 166 -14.13 -0.60 -8.26
C ASP A 166 -14.51 -2.06 -8.07
N LEU A 167 -15.27 -2.63 -9.05
CA LEU A 167 -15.71 -4.03 -9.03
C LEU A 167 -14.53 -5.01 -8.98
N LEU A 168 -13.50 -4.77 -9.82
CA LEU A 168 -12.29 -5.58 -9.88
C LEU A 168 -11.43 -5.45 -8.63
N LEU A 169 -11.43 -4.25 -7.99
CA LEU A 169 -10.72 -3.97 -6.75
C LEU A 169 -11.38 -4.68 -5.56
N LEU A 170 -12.72 -4.61 -5.47
CA LEU A 170 -13.50 -5.29 -4.42
C LEU A 170 -13.45 -6.80 -4.57
N ALA A 171 -13.26 -7.31 -5.81
CA ALA A 171 -13.15 -8.73 -6.14
C ALA A 171 -11.92 -9.40 -5.51
N THR A 172 -10.94 -8.60 -5.04
CA THR A 172 -9.72 -9.11 -4.40
C THR A 172 -9.89 -9.31 -2.88
N LEU A 173 -10.96 -8.73 -2.27
CA LEU A 173 -11.27 -8.85 -0.83
C LEU A 173 -11.32 -10.31 -0.31
N PRO A 174 -11.95 -11.31 -1.00
CA PRO A 174 -11.93 -12.68 -0.46
C PRO A 174 -10.52 -13.30 -0.36
N LEU A 175 -9.57 -12.84 -1.21
CA LEU A 175 -8.18 -13.32 -1.19
C LEU A 175 -7.47 -12.85 0.08
N TRP A 176 -7.58 -11.54 0.40
CA TRP A 176 -6.97 -10.92 1.59
C TRP A 176 -7.56 -11.46 2.89
N ALA A 177 -8.88 -11.72 2.91
CA ALA A 177 -9.60 -12.28 4.06
C ALA A 177 -9.10 -13.70 4.37
N THR A 178 -8.81 -14.49 3.32
CA THR A 178 -8.26 -15.86 3.42
C THR A 178 -6.78 -15.76 3.84
N TYR A 179 -6.04 -14.78 3.28
CA TYR A 179 -4.63 -14.50 3.56
C TYR A 179 -4.43 -14.11 5.03
N TYR A 180 -5.39 -13.35 5.60
CA TYR A 180 -5.37 -12.92 7.01
C TYR A 180 -5.64 -14.13 7.92
N SER A 181 -6.66 -14.96 7.58
CA SER A 181 -7.08 -16.16 8.32
C SER A 181 -5.99 -17.21 8.46
N TYR A 182 -5.10 -17.33 7.46
CA TYR A 182 -4.00 -18.31 7.47
C TYR A 182 -2.70 -17.76 8.08
N ARG A 183 -2.82 -16.68 8.90
CA ARG A 183 -1.71 -16.00 9.61
C ARG A 183 -0.62 -15.49 8.64
N TYR A 184 -1.06 -14.90 7.52
CA TYR A 184 -0.26 -14.34 6.42
C TYR A 184 0.57 -15.41 5.69
N ASP A 185 -0.10 -16.54 5.33
CA ASP A 185 0.50 -17.64 4.58
C ASP A 185 -0.04 -17.63 3.15
N TRP A 186 0.75 -17.12 2.20
CA TRP A 186 0.40 -17.04 0.79
C TRP A 186 0.46 -18.43 0.18
N LEU A 187 -0.70 -19.01 -0.12
CA LEU A 187 -0.83 -20.35 -0.70
C LEU A 187 -1.24 -20.31 -2.19
N PHE A 188 -0.60 -19.40 -2.96
CA PHE A 188 -0.86 -19.21 -4.39
C PHE A 188 0.43 -19.18 -5.24
N GLY A 189 1.58 -19.12 -4.58
CA GLY A 189 2.89 -19.09 -5.22
C GLY A 189 3.49 -17.70 -5.40
N PRO A 190 4.80 -17.61 -5.73
CA PRO A 190 5.42 -16.27 -5.91
C PRO A 190 4.96 -15.53 -7.17
N VAL A 191 4.47 -16.28 -8.18
CA VAL A 191 3.98 -15.73 -9.45
C VAL A 191 2.67 -14.95 -9.19
N MET A 192 1.71 -15.57 -8.49
CA MET A 192 0.41 -14.96 -8.16
C MET A 192 0.52 -13.86 -7.09
N CYS A 193 1.66 -13.79 -6.38
CA CYS A 193 1.97 -12.74 -5.40
C CYS A 193 2.19 -11.43 -6.17
N LYS A 194 2.81 -11.54 -7.37
CA LYS A 194 3.07 -10.43 -8.30
C LYS A 194 1.81 -10.07 -9.08
N VAL A 195 1.04 -11.08 -9.54
CA VAL A 195 -0.18 -10.92 -10.35
C VAL A 195 -1.29 -10.22 -9.53
N PHE A 196 -1.75 -10.84 -8.42
CA PHE A 196 -2.80 -10.29 -7.55
C PHE A 196 -2.40 -8.96 -6.90
N GLY A 197 -1.11 -8.82 -6.57
CA GLY A 197 -0.54 -7.61 -5.98
C GLY A 197 -0.62 -6.42 -6.92
N SER A 198 -0.25 -6.62 -8.19
CA SER A 198 -0.28 -5.60 -9.23
C SER A 198 -1.70 -5.26 -9.66
N PHE A 199 -2.57 -6.30 -9.76
CA PHE A 199 -4.00 -6.18 -10.11
C PHE A 199 -4.73 -5.30 -9.10
N LEU A 200 -4.35 -5.42 -7.81
CA LEU A 200 -4.89 -4.64 -6.71
C LEU A 200 -4.49 -3.16 -6.87
N THR A 201 -3.19 -2.88 -7.06
CA THR A 201 -2.62 -1.53 -7.23
C THR A 201 -3.14 -0.84 -8.50
N LEU A 202 -3.26 -1.59 -9.61
CA LEU A 202 -3.76 -1.10 -10.90
C LEU A 202 -5.19 -0.58 -10.77
N ASN A 203 -6.11 -1.43 -10.24
CA ASN A 203 -7.53 -1.09 -10.05
C ASN A 203 -7.75 -0.04 -8.98
N MET A 204 -6.86 0.04 -7.97
CA MET A 204 -6.95 1.05 -6.90
C MET A 204 -6.63 2.43 -7.48
N PHE A 205 -5.55 2.53 -8.28
CA PHE A 205 -5.16 3.79 -8.92
C PHE A 205 -6.15 4.20 -9.99
N ALA A 206 -6.68 3.22 -10.76
CA ALA A 206 -7.71 3.46 -11.78
C ALA A 206 -8.98 4.05 -11.15
N SER A 207 -9.33 3.59 -9.92
CA SER A 207 -10.48 4.08 -9.15
C SER A 207 -10.23 5.54 -8.73
N ILE A 208 -9.08 5.81 -8.08
CA ILE A 208 -8.66 7.13 -7.59
C ILE A 208 -8.56 8.15 -8.73
N PHE A 209 -7.91 7.77 -9.86
CA PHE A 209 -7.72 8.64 -11.02
C PHE A 209 -9.02 8.95 -11.76
N PHE A 210 -9.99 8.02 -11.79
CA PHE A 210 -11.28 8.27 -12.45
C PHE A 210 -12.18 9.17 -11.59
N ILE A 211 -11.95 9.19 -10.25
CA ILE A 211 -12.64 10.07 -9.30
C ILE A 211 -12.13 11.50 -9.57
N THR A 212 -10.80 11.62 -9.80
CA THR A 212 -10.08 12.85 -10.14
C THR A 212 -10.60 13.42 -11.47
N CYS A 213 -10.81 12.54 -12.48
CA CYS A 213 -11.33 12.89 -13.81
C CYS A 213 -12.76 13.40 -13.72
N MET A 214 -13.58 12.77 -12.83
CA MET A 214 -14.97 13.16 -12.56
C MET A 214 -15.01 14.58 -11.99
N SER A 215 -14.11 14.89 -11.03
CA SER A 215 -14.00 16.21 -10.40
C SER A 215 -13.61 17.29 -11.41
N VAL A 216 -12.69 16.96 -12.34
CA VAL A 216 -12.23 17.85 -13.42
C VAL A 216 -13.37 18.11 -14.41
N ASP A 217 -14.11 17.04 -14.81
CA ASP A 217 -15.25 17.11 -15.73
C ASP A 217 -16.42 17.90 -15.12
N ARG A 218 -16.64 17.74 -13.79
CA ARG A 218 -17.69 18.46 -13.06
C ARG A 218 -17.35 19.94 -12.95
N TYR A 219 -16.06 20.27 -12.73
CA TYR A 219 -15.55 21.63 -12.64
C TYR A 219 -15.64 22.33 -14.00
N GLN A 220 -15.24 21.63 -15.08
CA GLN A 220 -15.25 22.11 -16.47
C GLN A 220 -16.67 22.43 -16.96
N SER A 221 -17.68 21.67 -16.48
CA SER A 221 -19.10 21.83 -16.81
C SER A 221 -19.68 23.13 -16.25
N VAL A 222 -19.15 23.60 -15.10
CA VAL A 222 -19.59 24.81 -14.41
C VAL A 222 -19.01 26.08 -15.05
N ILE A 223 -17.66 26.17 -15.13
CA ILE A 223 -16.94 27.33 -15.69
C ILE A 223 -17.20 27.46 -17.21
N TYR A 224 -17.25 26.32 -17.94
CA TYR A 224 -17.54 26.28 -19.38
C TYR A 224 -18.82 25.46 -19.63
N PRO A 225 -20.01 26.10 -19.55
CA PRO A 225 -21.26 25.35 -19.79
C PRO A 225 -21.50 24.97 -21.26
N PHE A 226 -20.72 25.54 -22.19
CA PHE A 226 -20.82 25.24 -23.63
C PHE A 226 -20.31 23.84 -23.99
N LEU A 227 -19.47 23.22 -23.13
CA LEU A 227 -18.90 21.89 -23.33
C LEU A 227 -19.97 20.79 -23.40
N SER A 228 -21.05 20.93 -22.61
CA SER A 228 -22.17 19.99 -22.58
C SER A 228 -23.05 20.09 -23.83
N GLN A 229 -23.04 21.26 -24.49
CA GLN A 229 -23.81 21.53 -25.72
C GLN A 229 -23.16 20.86 -26.96
N ARG A 230 -21.86 20.49 -26.85
CA ARG A 230 -21.08 19.84 -27.90
C ARG A 230 -21.62 18.44 -28.20
N ARG A 231 -22.01 18.21 -29.47
CA ARG A 231 -22.56 16.95 -29.97
C ARG A 231 -21.54 15.80 -29.98
N ASN A 232 -20.23 16.14 -29.98
CA ASN A 232 -19.11 15.20 -30.02
C ASN A 232 -18.18 15.29 -28.79
N PRO A 233 -18.03 14.20 -28.00
CA PRO A 233 -17.14 14.25 -26.81
C PRO A 233 -15.73 13.74 -27.12
N TRP A 234 -15.06 14.41 -28.08
CA TRP A 234 -13.74 14.09 -28.64
C TRP A 234 -12.62 13.71 -27.65
N GLN A 235 -12.50 14.41 -26.51
CA GLN A 235 -11.42 14.14 -25.53
C GLN A 235 -11.57 12.82 -24.73
N ALA A 236 -12.83 12.39 -24.45
CA ALA A 236 -13.13 11.19 -23.68
C ALA A 236 -12.49 9.89 -24.19
N SER A 237 -12.40 9.73 -25.52
CA SER A 237 -11.80 8.55 -26.18
C SER A 237 -10.27 8.45 -26.02
N TYR A 238 -9.63 9.55 -25.56
CA TYR A 238 -8.18 9.63 -25.35
C TYR A 238 -7.80 9.69 -23.86
N ILE A 239 -8.71 10.22 -23.01
CA ILE A 239 -8.50 10.33 -21.55
C ILE A 239 -8.58 8.95 -20.87
N VAL A 240 -9.60 8.14 -21.20
CA VAL A 240 -9.84 6.80 -20.65
C VAL A 240 -8.61 5.85 -20.87
N PRO A 241 -8.02 5.66 -22.09
CA PRO A 241 -6.85 4.79 -22.21
C PRO A 241 -5.61 5.32 -21.50
N LEU A 242 -5.49 6.66 -21.35
CA LEU A 242 -4.37 7.33 -20.68
C LEU A 242 -4.38 7.03 -19.18
N VAL A 243 -5.58 7.08 -18.55
CA VAL A 243 -5.78 6.81 -17.11
C VAL A 243 -5.46 5.36 -16.76
N TRP A 244 -5.89 4.41 -17.60
CA TRP A 244 -5.63 2.98 -17.42
C TRP A 244 -4.13 2.67 -17.58
N CYS A 245 -3.44 3.40 -18.45
CA CYS A 245 -1.99 3.27 -18.67
C CYS A 245 -1.21 3.89 -17.51
N MET A 246 -1.75 5.00 -16.92
CA MET A 246 -1.16 5.68 -15.77
C MET A 246 -1.24 4.77 -14.54
N ALA A 247 -2.35 4.01 -14.41
CA ALA A 247 -2.59 3.06 -13.32
C ALA A 247 -1.68 1.83 -13.48
N CYS A 248 -1.37 1.45 -14.74
CA CYS A 248 -0.51 0.33 -15.07
C CYS A 248 0.96 0.67 -14.78
N LEU A 249 1.38 1.91 -15.12
CA LEU A 249 2.74 2.41 -14.89
C LEU A 249 3.01 2.57 -13.39
N SER A 250 1.98 2.97 -12.61
CA SER A 250 2.05 3.16 -11.16
C SER A 250 2.12 1.81 -10.42
N SER A 251 1.64 0.73 -11.06
CA SER A 251 1.65 -0.63 -10.50
C SER A 251 2.92 -1.42 -10.86
N LEU A 252 3.87 -0.79 -11.61
CA LEU A 252 5.14 -1.41 -12.01
C LEU A 252 6.06 -1.73 -10.81
N PRO A 253 6.27 -0.86 -9.78
CA PRO A 253 7.14 -1.25 -8.65
C PRO A 253 6.55 -2.40 -7.83
N THR A 254 5.22 -2.58 -7.88
CA THR A 254 4.51 -3.67 -7.20
C THR A 254 4.88 -5.00 -7.87
N PHE A 255 4.89 -5.04 -9.21
CA PHE A 255 5.25 -6.23 -9.99
C PHE A 255 6.73 -6.60 -9.85
N TYR A 256 7.59 -5.59 -9.63
CA TYR A 256 9.04 -5.74 -9.51
C TYR A 256 9.50 -6.18 -8.11
N PHE A 257 8.87 -5.66 -7.04
CA PHE A 257 9.31 -5.94 -5.67
C PHE A 257 8.50 -7.03 -4.94
N ARG A 258 7.19 -7.22 -5.21
CA ARG A 258 6.39 -8.26 -4.54
C ARG A 258 6.89 -9.67 -4.85
N ASP A 259 7.15 -10.47 -3.80
CA ASP A 259 7.63 -11.86 -3.89
C ASP A 259 7.42 -12.57 -2.55
N VAL A 260 7.15 -13.89 -2.60
CA VAL A 260 6.95 -14.71 -1.40
C VAL A 260 8.30 -14.98 -0.73
N ARG A 261 8.44 -14.50 0.51
CA ARG A 261 9.65 -14.68 1.33
C ARG A 261 9.28 -15.27 2.67
N THR A 262 10.06 -16.26 3.14
CA THR A 262 9.83 -16.96 4.41
C THR A 262 10.14 -16.08 5.62
N ILE A 263 9.15 -15.95 6.52
CA ILE A 263 9.26 -15.21 7.78
C ILE A 263 9.79 -16.24 8.80
N GLU A 264 11.07 -16.09 9.20
CA GLU A 264 11.79 -16.99 10.10
C GLU A 264 11.14 -17.19 11.47
N TYR A 265 10.73 -16.09 12.15
CA TYR A 265 10.14 -16.16 13.48
C TYR A 265 8.68 -16.67 13.48
N LEU A 266 7.85 -16.19 12.53
CA LEU A 266 6.46 -16.62 12.42
C LEU A 266 6.28 -18.01 11.81
N GLY A 267 7.30 -18.47 11.07
CA GLY A 267 7.30 -19.76 10.38
C GLY A 267 6.22 -19.80 9.30
N VAL A 268 6.09 -18.69 8.56
CA VAL A 268 5.08 -18.50 7.54
C VAL A 268 5.68 -17.97 6.22
N ASN A 269 5.05 -18.31 5.08
CA ASN A 269 5.47 -17.88 3.75
C ASN A 269 4.57 -16.72 3.33
N ALA A 270 5.02 -15.47 3.55
CA ALA A 270 4.26 -14.26 3.25
C ALA A 270 4.63 -13.58 1.95
N CYS A 271 3.60 -13.11 1.21
CA CYS A 271 3.74 -12.35 -0.02
C CYS A 271 4.04 -10.92 0.44
N ILE A 272 5.34 -10.57 0.45
CA ILE A 272 5.84 -9.27 0.91
C ILE A 272 6.57 -8.48 -0.18
N MET A 273 6.82 -7.19 0.08
CA MET A 273 7.55 -6.30 -0.82
C MET A 273 9.05 -6.53 -0.60
N ALA A 274 9.63 -7.46 -1.38
CA ALA A 274 11.03 -7.86 -1.29
C ALA A 274 12.02 -6.85 -1.89
N PHE A 275 12.30 -5.79 -1.13
CA PHE A 275 13.24 -4.72 -1.50
C PHE A 275 14.68 -5.21 -1.29
N PRO A 276 15.74 -4.56 -1.87
CA PRO A 276 17.12 -5.01 -1.58
C PRO A 276 17.39 -4.98 -0.08
N PRO A 277 17.75 -6.14 0.54
CA PRO A 277 17.93 -6.18 2.01
C PRO A 277 18.96 -5.21 2.60
N GLU A 278 20.01 -4.86 1.84
CA GLU A 278 21.06 -3.92 2.26
C GLU A 278 20.53 -2.49 2.49
N LYS A 279 19.46 -2.11 1.77
CA LYS A 279 18.82 -0.79 1.87
C LYS A 279 17.29 -0.95 1.97
N TYR A 280 16.84 -1.92 2.79
CA TYR A 280 15.41 -2.24 2.99
C TYR A 280 14.60 -1.10 3.64
N ALA A 281 15.11 -0.51 4.73
CA ALA A 281 14.45 0.58 5.46
C ALA A 281 14.24 1.83 4.61
N GLN A 282 15.25 2.20 3.80
CA GLN A 282 15.24 3.36 2.89
C GLN A 282 14.19 3.18 1.79
N TRP A 283 14.10 1.97 1.22
CA TRP A 283 13.14 1.61 0.17
C TRP A 283 11.71 1.56 0.71
N SER A 284 11.51 1.04 1.94
CA SER A 284 10.22 0.94 2.62
C SER A 284 9.64 2.31 2.94
N ALA A 285 10.51 3.28 3.30
CA ALA A 285 10.12 4.66 3.61
C ALA A 285 9.87 5.46 2.33
N GLY A 286 10.61 5.16 1.26
CA GLY A 286 10.49 5.80 -0.04
C GLY A 286 9.21 5.45 -0.77
N ILE A 287 8.85 4.14 -0.76
CA ILE A 287 7.64 3.62 -1.39
C ILE A 287 6.39 4.06 -0.60
N ALA A 288 6.50 4.17 0.75
CA ALA A 288 5.42 4.64 1.62
C ALA A 288 5.12 6.11 1.34
N LEU A 289 6.18 6.91 1.04
CA LEU A 289 6.07 8.33 0.68
C LEU A 289 5.39 8.45 -0.70
N MET A 290 5.71 7.52 -1.62
CA MET A 290 5.14 7.43 -2.98
C MET A 290 3.65 7.11 -2.90
N LYS A 291 3.25 6.26 -1.92
CA LYS A 291 1.84 5.88 -1.68
C LYS A 291 1.03 7.11 -1.28
N ASN A 292 1.58 7.97 -0.40
CA ASN A 292 0.94 9.20 0.09
C ASN A 292 0.79 10.26 -0.99
N ILE A 293 1.88 10.54 -1.73
CA ILE A 293 1.93 11.57 -2.78
C ILE A 293 1.01 11.23 -3.98
N LEU A 294 1.20 10.05 -4.58
CA LEU A 294 0.45 9.61 -5.77
C LEU A 294 -1.00 9.19 -5.49
N GLY A 295 -1.22 8.48 -4.38
CA GLY A 295 -2.53 7.95 -4.02
C GLY A 295 -3.43 8.81 -3.17
N PHE A 296 -2.91 9.92 -2.59
CA PHE A 296 -3.72 10.78 -1.75
C PHE A 296 -3.47 12.28 -1.93
N ILE A 297 -2.19 12.72 -1.88
CA ILE A 297 -1.77 14.13 -1.99
C ILE A 297 -2.23 14.78 -3.31
N ILE A 298 -1.72 14.29 -4.47
CA ILE A 298 -2.06 14.83 -5.79
C ILE A 298 -3.59 14.74 -6.06
N PRO A 299 -4.29 13.57 -5.90
CA PRO A 299 -5.74 13.56 -6.16
C PRO A 299 -6.56 14.49 -5.25
N LEU A 300 -6.29 14.53 -3.92
CA LEU A 300 -7.01 15.41 -2.98
C LEU A 300 -6.91 16.88 -3.35
N ILE A 301 -5.72 17.33 -3.82
CA ILE A 301 -5.50 18.72 -4.25
C ILE A 301 -6.37 19.01 -5.48
N PHE A 302 -6.45 18.05 -6.43
CA PHE A 302 -7.27 18.15 -7.64
C PHE A 302 -8.76 18.18 -7.30
N ILE A 303 -9.21 17.27 -6.41
CA ILE A 303 -10.60 17.15 -5.96
C ILE A 303 -11.05 18.41 -5.20
N ALA A 304 -10.19 18.95 -4.30
CA ALA A 304 -10.47 20.17 -3.52
C ALA A 304 -10.52 21.42 -4.41
N THR A 305 -9.53 21.60 -5.33
CA THR A 305 -9.47 22.75 -6.26
C THR A 305 -10.75 22.80 -7.11
N CYS A 306 -11.20 21.64 -7.61
CA CYS A 306 -12.41 21.50 -8.41
C CYS A 306 -13.65 21.86 -7.59
N TYR A 307 -13.69 21.46 -6.30
CA TYR A 307 -14.80 21.77 -5.40
C TYR A 307 -14.88 23.27 -5.07
N PHE A 308 -13.74 23.87 -4.63
CA PHE A 308 -13.67 25.30 -4.31
C PHE A 308 -13.90 26.18 -5.55
N GLY A 309 -13.56 25.65 -6.72
CA GLY A 309 -13.75 26.30 -8.02
C GLY A 309 -15.22 26.40 -8.37
N ILE A 310 -15.98 25.30 -8.14
CA ILE A 310 -17.43 25.23 -8.37
C ILE A 310 -18.13 26.17 -7.36
N ARG A 311 -17.63 26.18 -6.10
CA ARG A 311 -18.11 27.04 -5.01
C ARG A 311 -17.90 28.53 -5.32
N LYS A 312 -16.80 28.87 -6.01
CA LYS A 312 -16.43 30.24 -6.38
C LYS A 312 -17.36 30.80 -7.46
N HIS A 313 -17.73 29.97 -8.45
CA HIS A 313 -18.61 30.32 -9.57
C HIS A 313 -20.09 30.40 -9.18
N LEU A 314 -20.52 29.57 -8.21
CA LEU A 314 -21.90 29.48 -7.75
C LEU A 314 -22.31 30.54 -6.71
N LEU A 315 -21.47 30.77 -5.68
CA LEU A 315 -21.73 31.71 -4.58
C LEU A 315 -21.73 33.20 -4.98
N LYS A 316 -21.00 33.58 -6.04
CA LYS A 316 -20.91 34.98 -6.49
C LYS A 316 -22.23 35.50 -7.13
N THR A 317 -23.09 34.58 -7.60
CA THR A 317 -24.36 34.87 -8.26
C THR A 317 -25.41 35.51 -7.33
N ASN A 318 -25.43 35.11 -6.03
CA ASN A 318 -26.37 35.57 -4.98
C ASN A 318 -27.83 35.30 -5.41
N SER A 319 -28.21 34.02 -5.40
CA SER A 319 -29.53 33.53 -5.82
C SER A 319 -30.63 33.64 -4.76
N TYR A 320 -31.89 33.63 -5.22
CA TYR A 320 -33.11 33.70 -4.41
C TYR A 320 -34.11 32.66 -4.92
N GLY A 321 -34.94 32.13 -4.01
CA GLY A 321 -35.97 31.15 -4.33
C GLY A 321 -35.43 29.77 -4.65
N LYS A 322 -36.00 29.11 -5.68
CA LYS A 322 -35.61 27.78 -6.15
C LYS A 322 -34.18 27.76 -6.70
N ASN A 323 -33.71 28.90 -7.26
CA ASN A 323 -32.36 29.08 -7.80
C ASN A 323 -31.31 28.94 -6.68
N ARG A 324 -31.68 29.33 -5.44
CA ARG A 324 -30.85 29.24 -4.24
C ARG A 324 -30.90 27.81 -3.68
N ILE A 325 -32.09 27.18 -3.72
CA ILE A 325 -32.34 25.81 -3.24
C ILE A 325 -31.56 24.80 -4.10
N THR A 326 -31.67 24.92 -5.44
CA THR A 326 -30.97 24.05 -6.41
C THR A 326 -29.46 24.27 -6.37
N ARG A 327 -29.01 25.51 -6.03
CA ARG A 327 -27.59 25.89 -5.91
C ARG A 327 -26.97 25.14 -4.72
N ASP A 328 -27.63 25.19 -3.54
CA ASP A 328 -27.19 24.55 -2.31
C ASP A 328 -27.15 23.02 -2.42
N GLN A 329 -28.09 22.42 -3.17
CA GLN A 329 -28.17 20.98 -3.41
C GLN A 329 -26.97 20.48 -4.24
N VAL A 330 -26.52 21.30 -5.22
CA VAL A 330 -25.36 21.01 -6.08
C VAL A 330 -24.07 21.08 -5.22
N LEU A 331 -23.98 22.08 -4.32
CA LEU A 331 -22.85 22.29 -3.41
C LEU A 331 -22.72 21.18 -2.38
N LYS A 332 -23.86 20.57 -1.96
CA LYS A 332 -23.89 19.46 -1.00
C LYS A 332 -23.38 18.18 -1.67
N MET A 333 -23.72 17.99 -2.97
CA MET A 333 -23.29 16.83 -3.77
C MET A 333 -21.80 16.95 -4.10
N ALA A 334 -21.31 18.18 -4.36
CA ALA A 334 -19.92 18.47 -4.68
C ALA A 334 -19.02 18.31 -3.46
N ALA A 335 -19.56 18.61 -2.25
CA ALA A 335 -18.82 18.48 -0.98
C ALA A 335 -18.79 17.02 -0.51
N ALA A 336 -19.79 16.22 -0.91
CA ALA A 336 -19.92 14.81 -0.54
C ALA A 336 -18.79 13.94 -1.09
N VAL A 337 -18.31 14.23 -2.32
CA VAL A 337 -17.22 13.47 -2.97
C VAL A 337 -15.86 13.76 -2.33
N VAL A 338 -15.60 15.02 -1.90
CA VAL A 338 -14.34 15.40 -1.26
C VAL A 338 -14.31 14.88 0.20
N LEU A 339 -15.47 14.91 0.90
CA LEU A 339 -15.62 14.41 2.28
C LEU A 339 -15.46 12.89 2.35
N ALA A 340 -16.10 12.15 1.40
CA ALA A 340 -16.02 10.68 1.34
C ALA A 340 -14.60 10.20 1.03
N PHE A 341 -13.85 10.95 0.20
CA PHE A 341 -12.47 10.63 -0.16
C PHE A 341 -11.55 10.76 1.06
N ILE A 342 -11.82 11.76 1.95
CA ILE A 342 -11.05 12.00 3.17
C ILE A 342 -11.32 10.90 4.20
N ILE A 343 -12.59 10.70 4.62
CA ILE A 343 -13.01 9.71 5.62
C ILE A 343 -12.47 8.29 5.30
N CYS A 344 -12.54 7.89 4.02
CA CYS A 344 -12.13 6.57 3.54
C CYS A 344 -10.62 6.38 3.38
N TRP A 345 -9.88 7.40 2.93
CA TRP A 345 -8.44 7.25 2.66
C TRP A 345 -7.49 7.91 3.67
N LEU A 346 -7.87 9.02 4.34
CA LEU A 346 -7.02 9.70 5.33
C LEU A 346 -6.49 8.75 6.45
N PRO A 347 -7.30 7.83 7.07
CA PRO A 347 -6.72 6.95 8.12
C PRO A 347 -5.57 6.08 7.62
N PHE A 348 -5.69 5.52 6.40
CA PHE A 348 -4.66 4.67 5.80
C PHE A 348 -3.35 5.41 5.53
N HIS A 349 -3.41 6.56 4.83
CA HIS A 349 -2.25 7.36 4.46
C HIS A 349 -1.53 7.98 5.67
N VAL A 350 -2.26 8.25 6.77
CA VAL A 350 -1.68 8.76 8.02
C VAL A 350 -0.85 7.62 8.64
N LEU A 351 -1.42 6.40 8.72
CA LEU A 351 -0.77 5.20 9.24
C LEU A 351 0.42 4.75 8.37
N THR A 352 0.32 4.97 7.04
CA THR A 352 1.38 4.65 6.07
C THR A 352 2.56 5.60 6.29
N PHE A 353 2.27 6.89 6.57
CA PHE A 353 3.26 7.92 6.86
C PHE A 353 3.93 7.65 8.22
N LEU A 354 3.15 7.24 9.23
CA LEU A 354 3.65 6.88 10.57
C LEU A 354 4.55 5.64 10.50
N ASP A 355 4.21 4.69 9.61
CA ASP A 355 4.97 3.45 9.38
C ASP A 355 6.29 3.77 8.65
N ALA A 356 6.28 4.80 7.77
CA ALA A 356 7.46 5.25 7.01
C ALA A 356 8.51 5.84 7.96
N LEU A 357 8.05 6.54 9.01
CA LEU A 357 8.90 7.15 10.02
C LEU A 357 9.49 6.10 10.95
N ALA A 358 8.78 4.97 11.13
CA ALA A 358 9.22 3.83 11.94
C ALA A 358 10.38 3.10 11.25
N TRP A 359 10.39 3.09 9.89
CA TRP A 359 11.44 2.47 9.09
C TRP A 359 12.71 3.33 9.12
N MET A 360 12.57 4.67 9.01
CA MET A 360 13.67 5.65 9.05
C MET A 360 14.38 5.67 10.41
N GLY A 361 13.60 5.50 11.47
CA GLY A 361 14.09 5.49 12.85
C GLY A 361 13.59 6.65 13.69
N VAL A 362 12.55 7.36 13.20
CA VAL A 362 11.93 8.51 13.87
C VAL A 362 11.01 8.01 15.00
N ILE A 363 10.11 7.04 14.69
CA ILE A 363 9.22 6.43 15.69
C ILE A 363 9.80 5.07 16.06
N ASN A 364 10.28 4.94 17.31
CA ASN A 364 10.90 3.72 17.82
C ASN A 364 10.10 3.08 18.96
N SER A 365 9.08 3.80 19.47
CA SER A 365 8.20 3.35 20.55
C SER A 365 7.31 2.19 20.07
N CYS A 366 7.44 1.02 20.71
CA CYS A 366 6.67 -0.19 20.41
C CYS A 366 5.18 -0.02 20.67
N GLU A 367 4.82 0.88 21.61
CA GLU A 367 3.44 1.20 21.96
C GLU A 367 2.72 1.84 20.77
N VAL A 368 3.42 2.73 20.04
CA VAL A 368 2.90 3.42 18.85
C VAL A 368 2.83 2.44 17.67
N ILE A 369 3.93 1.68 17.44
CA ILE A 369 4.08 0.69 16.35
C ILE A 369 3.02 -0.43 16.45
N ALA A 370 2.72 -0.92 17.68
CA ALA A 370 1.71 -1.97 17.90
C ALA A 370 0.31 -1.49 17.49
N VAL A 371 0.00 -0.19 17.74
CA VAL A 371 -1.27 0.45 17.39
C VAL A 371 -1.39 0.54 15.86
N ILE A 372 -0.31 0.98 15.17
CA ILE A 372 -0.24 1.10 13.71
C ILE A 372 -0.52 -0.25 13.02
N ASP A 373 0.03 -1.34 13.57
CA ASP A 373 -0.14 -2.71 13.06
C ASP A 373 -1.56 -3.25 13.15
N LEU A 374 -2.23 -3.11 14.31
CA LEU A 374 -3.60 -3.62 14.49
C LEU A 374 -4.66 -2.72 13.84
N ALA A 375 -4.38 -1.42 13.69
CA ALA A 375 -5.31 -0.47 13.07
C ALA A 375 -5.26 -0.52 11.54
N LEU A 376 -4.12 -0.97 10.98
CA LEU A 376 -3.87 -1.07 9.54
C LEU A 376 -4.94 -1.88 8.75
N PRO A 377 -5.33 -3.13 9.12
CA PRO A 377 -6.36 -3.84 8.32
C PRO A 377 -7.74 -3.16 8.30
N PHE A 378 -8.06 -2.37 9.35
CA PHE A 378 -9.29 -1.59 9.44
C PHE A 378 -9.21 -0.37 8.53
N ALA A 379 -8.00 0.25 8.44
CA ALA A 379 -7.70 1.41 7.60
C ALA A 379 -7.72 1.00 6.13
N ILE A 380 -7.23 -0.24 5.82
CA ILE A 380 -7.21 -0.82 4.48
C ILE A 380 -8.67 -1.04 4.03
N LEU A 381 -9.53 -1.55 4.95
CA LEU A 381 -10.96 -1.81 4.75
C LEU A 381 -11.71 -0.52 4.35
N LEU A 382 -11.33 0.62 4.97
CA LEU A 382 -11.89 1.94 4.67
C LEU A 382 -11.61 2.37 3.24
N GLY A 383 -10.44 2.00 2.71
CA GLY A 383 -10.04 2.27 1.34
C GLY A 383 -10.93 1.54 0.35
N PHE A 384 -11.28 0.28 0.68
CA PHE A 384 -12.17 -0.58 -0.09
C PHE A 384 -13.63 -0.10 0.03
N THR A 385 -13.97 0.53 1.18
CA THR A 385 -15.31 1.07 1.47
C THR A 385 -15.64 2.23 0.51
N ASN A 386 -14.60 2.97 0.05
CA ASN A 386 -14.74 4.08 -0.90
C ASN A 386 -15.33 3.58 -2.23
N SER A 387 -15.00 2.33 -2.62
CA SER A 387 -15.50 1.67 -3.82
C SER A 387 -16.99 1.29 -3.68
N CYS A 388 -17.51 1.21 -2.44
CA CYS A 388 -18.90 0.91 -2.14
C CYS A 388 -19.72 2.20 -2.15
N VAL A 389 -19.08 3.32 -1.76
CA VAL A 389 -19.68 4.67 -1.70
C VAL A 389 -19.77 5.31 -3.11
N ASN A 390 -18.76 5.03 -3.99
CA ASN A 390 -18.67 5.55 -5.35
C ASN A 390 -19.95 5.34 -6.21
N PRO A 391 -20.58 4.13 -6.30
CA PRO A 391 -21.80 4.01 -7.14
C PRO A 391 -22.94 4.92 -6.67
N PHE A 392 -23.06 5.14 -5.36
CA PHE A 392 -24.09 5.99 -4.77
C PHE A 392 -23.87 7.47 -5.07
N LEU A 393 -22.66 7.99 -4.88
CA LEU A 393 -22.32 9.40 -5.10
C LEU A 393 -22.30 9.86 -6.56
N TYR A 394 -22.02 8.94 -7.50
CA TYR A 394 -21.90 9.30 -8.93
C TYR A 394 -23.02 8.78 -9.83
N CYS A 395 -23.46 7.53 -9.64
CA CYS A 395 -24.49 6.92 -10.49
C CYS A 395 -25.90 7.03 -9.92
N PHE A 396 -26.13 6.58 -8.67
CA PHE A 396 -27.46 6.57 -8.06
C PHE A 396 -27.94 7.98 -7.66
N VAL A 397 -27.31 8.61 -6.65
CA VAL A 397 -27.67 9.95 -6.17
C VAL A 397 -27.18 11.02 -7.16
N GLY A 398 -25.92 10.90 -7.59
CA GLY A 398 -25.28 11.83 -8.53
C GLY A 398 -25.77 11.80 -9.97
N ASN A 399 -27.02 11.36 -10.19
CA ASN A 399 -27.66 11.30 -11.50
C ASN A 399 -28.39 12.61 -11.78
N ARG A 400 -28.95 13.22 -10.71
CA ARG A 400 -29.67 14.49 -10.75
C ARG A 400 -28.74 15.72 -10.65
N PHE A 401 -27.41 15.49 -10.55
CA PHE A 401 -26.37 16.52 -10.48
C PHE A 401 -26.32 17.34 -11.78
N GLN A 402 -26.33 16.66 -12.94
CA GLN A 402 -26.28 17.28 -14.26
C GLN A 402 -27.58 18.03 -14.56
N GLN A 403 -28.73 17.50 -14.08
CA GLN A 403 -30.05 18.11 -14.26
C GLN A 403 -30.19 19.40 -13.44
N LYS A 404 -29.66 19.41 -12.20
CA LYS A 404 -29.69 20.57 -11.32
C LYS A 404 -28.68 21.64 -11.73
N LEU A 405 -27.59 21.21 -12.42
CA LEU A 405 -26.55 22.10 -12.94
C LEU A 405 -27.08 22.86 -14.17
N ARG A 406 -27.98 22.20 -14.93
CA ARG A 406 -28.64 22.78 -16.11
C ARG A 406 -29.80 23.67 -15.66
N SER A 407 -30.33 23.45 -14.44
CA SER A 407 -31.42 24.21 -13.84
C SER A 407 -30.96 25.59 -13.37
N VAL A 408 -29.76 25.67 -12.74
CA VAL A 408 -29.17 26.93 -12.26
C VAL A 408 -28.68 27.79 -13.42
N PHE A 409 -28.28 27.15 -14.54
CA PHE A 409 -27.81 27.83 -15.76
C PHE A 409 -28.97 28.20 -16.70
N ARG A 410 -30.08 27.42 -16.65
CA ARG A 410 -31.31 27.57 -17.44
C ARG A 410 -31.07 27.62 -18.94
N1 8ES B . -4.14 -1.33 -0.08
N3 8ES B . 1.99 -3.42 -2.27
C4 8ES B . -7.47 -0.68 -0.59
C5 8ES B . -3.25 -2.07 0.68
C6 8ES B . -3.88 0.10 -0.33
C7 8ES B . -2.66 0.28 -1.23
C8 8ES B . -1.86 1.30 -0.99
C10 8ES B . -0.35 0.69 -2.87
C13 8ES B . 1.94 -1.29 -2.88
C15 8ES B . 3.23 1.44 -5.20
C17 8ES B . 1.03 2.10 -4.44
C20 8ES B . -4.94 -5.44 0.47
C21 8ES B . -4.05 -6.23 1.22
C22 8ES B . -2.89 -5.67 1.82
C24 8ES B . -0.93 -7.31 1.87
C26 8ES B . -0.94 -6.23 -0.57
C28 8ES B . -0.28 -8.01 -2.08
O1 8ES B . -0.19 -7.98 2.50
C25 8ES B . -0.77 -7.33 0.34
S 8ES B . -0.26 -8.72 -0.52
C27 8ES B . -0.67 -6.63 -2.00
N6 8ES B . -1.96 -6.51 2.56
C29 8ES B . -2.05 -6.54 4.01
C30 8ES B . -3.34 -7.25 4.46
C35 8ES B . -3.59 -8.70 4.03
C34 8ES B . -4.70 -9.31 4.40
C33 8ES B . -5.74 -8.56 5.26
C32 8ES B . -5.52 -7.31 5.62
C31 8ES B . -4.23 -6.60 5.19
C1 8ES B . -4.66 -4.09 0.30
C23 8ES B . -2.64 -4.31 1.63
C 8ES B . -3.49 -3.53 0.88
O 8ES B . -2.10 -1.49 1.25
C2 8ES B . -5.30 -1.97 -0.62
C3 8ES B . -6.32 -1.21 -1.46
N 8ES B . -5.56 -3.30 -0.45
C19 8ES B . -2.35 -0.69 -2.39
C18 8ES B . -1.29 -0.50 -3.14
C9 8ES B . -0.61 1.51 -1.87
C11 8ES B . 0.93 0.92 -3.70
C16 8ES B . 2.18 2.35 -5.19
C14 8ES B . 3.14 0.27 -4.44
C12 8ES B . 1.99 0.01 -3.68
N5 8ES B . 1.64 -1.43 -1.50
N4 8ES B . 1.67 -2.74 -1.13
N2 8ES B . 2.16 -2.54 -3.36
C24 OLC C . -12.07 -17.93 6.44
C7 OLC C . -22.02 -14.43 1.00
C6 OLC C . -20.51 -14.47 1.22
C5 OLC C . -20.11 -15.67 2.07
C4 OLC C . -18.75 -16.20 1.65
C3 OLC C . -17.83 -16.35 2.86
C2 OLC C . -17.16 -17.72 2.87
C21 OLC C . -14.05 -18.50 5.04
C1 OLC C . -16.34 -17.90 4.13
C22 OLC C . -12.70 -17.77 5.07
O19 OLC C . -16.89 -18.03 5.21
O25 OLC C . -12.07 -16.67 7.13
O23 OLC C . -11.84 -18.33 4.06
O20 OLC C . -14.88 -17.91 4.03
C9 OLA D . -22.58 15.83 4.39
C10 OLA D . -22.60 14.81 3.54
C11 OLA D . -21.33 14.00 3.29
C12 OLA D . -21.62 12.52 3.47
C13 OLA D . -20.42 11.67 3.06
C14 OLA D . -20.12 10.61 4.12
C15 OLA D . -19.87 9.25 3.48
C16 OLA D . -19.87 8.15 4.54
C17 OLA D . -19.18 6.89 4.02
C18 OLA D . -18.94 5.89 5.15
#